data_6ZAY
#
_entry.id   6ZAY
#
_cell.length_a   57.010
_cell.length_b   132.110
_cell.length_c   154.370
_cell.angle_alpha   90.000
_cell.angle_beta   90.000
_cell.angle_gamma   90.000
#
_symmetry.space_group_name_H-M   'P 21 21 21'
#
loop_
_entity.id
_entity.type
_entity.pdbx_description
1 polymer 'Ras-related protein Rab-33B'
2 polymer 'Autophagy-related protein 16-1'
3 non-polymer 'PHOSPHATE ION'
4 non-polymer DI(HYDROXYETHYL)ETHER
5 non-polymer 1,2-ETHANEDIOL
6 non-polymer 'MAGNESIUM ION'
7 non-polymer "GUANOSINE-5'-DIPHOSPHATE"
8 water water
#
loop_
_entity_poly.entity_id
_entity_poly.type
_entity_poly.pdbx_seq_one_letter_code
_entity_poly.pdbx_strand_id
1 'polypeptide(L)'
;GPMRSRIFKIIVIGDSNVGKTCLTYRFCAGRFPDRTEATIGVDFRERAVEIDGERIKIQLWDTAGQERFRKSMVQHYYRN
VHAVVFVYDMTNMASFHSLPSWIEECKQHLLANDIPRILVGNKCDLRSAIQVPTDLAQKFADTHSMPLFETSAKNPNDND
HVEAIFMTLAHKLKSHKPLMLSQPPDNGIILK
;
A,B
2 'polypeptide(L)'
;MLETNCLDLRTKLQDLEVANQTLKDEYDALQITFTALEEKLRKTTEENQELVTRWMAEKAQEANRLNAENEKDSRRRQAR
LQKELAEAAKEPLPVEQDDDIEVIVDETSDHTEETSPVRAVSRAAT
;
C,D
#
# COMPACT_ATOMS: atom_id res chain seq x y z
N ARG A 4 16.14 -26.95 -2.23
CA ARG A 4 17.16 -27.90 -1.81
C ARG A 4 18.20 -27.24 -0.88
N SER A 5 18.35 -25.93 -0.99
CA SER A 5 19.33 -25.20 -0.21
C SER A 5 18.79 -24.72 1.15
N ARG A 6 19.63 -24.81 2.19
CA ARG A 6 19.29 -24.27 3.50
C ARG A 6 19.05 -22.78 3.48
N ILE A 7 18.00 -22.35 4.17
CA ILE A 7 17.66 -20.94 4.31
C ILE A 7 17.99 -20.43 5.70
N PHE A 8 18.74 -19.33 5.79
CA PHE A 8 18.94 -18.66 7.07
C PHE A 8 18.09 -17.40 7.09
N LYS A 9 17.11 -17.38 7.97
CA LYS A 9 16.32 -16.17 8.16
C LYS A 9 17.02 -15.20 9.13
N ILE A 10 17.30 -14.01 8.62
CA ILE A 10 18.02 -12.99 9.39
C ILE A 10 17.26 -11.68 9.40
N ILE A 11 16.82 -11.23 10.58
CA ILE A 11 16.01 -10.01 10.62
C ILE A 11 16.82 -8.80 11.02
N VAL A 12 16.41 -7.65 10.50
CA VAL A 12 17.10 -6.40 10.72
C VAL A 12 16.15 -5.38 11.33
N ILE A 13 16.57 -4.96 12.53
CA ILE A 13 15.78 -4.18 13.47
C ILE A 13 16.48 -2.89 13.80
N GLY A 14 15.71 -1.82 13.96
CA GLY A 14 16.29 -0.55 14.37
C GLY A 14 15.38 0.60 13.98
N ASP A 15 15.68 1.77 14.54
CA ASP A 15 14.91 2.98 14.26
C ASP A 15 14.75 3.28 12.77
N SER A 16 13.70 4.00 12.46
CA SER A 16 13.47 4.49 11.13
C SER A 16 14.67 5.38 10.69
N ASN A 17 15.11 5.24 9.45
CA ASN A 17 16.10 6.13 8.83
C ASN A 17 17.56 5.85 9.22
N VAL A 18 17.83 4.69 9.85
CA VAL A 18 19.21 4.37 10.20
C VAL A 18 19.90 3.66 9.04
N GLY A 19 19.11 3.17 8.08
CA GLY A 19 19.68 2.61 6.86
C GLY A 19 19.52 1.11 6.65
N LYS A 20 18.48 0.54 7.25
CA LYS A 20 18.21 -0.90 7.15
C LYS A 20 17.91 -1.36 5.72
N THR A 21 17.09 -0.59 5.03
CA THR A 21 16.77 -0.87 3.64
C THR A 21 18.04 -0.79 2.78
N CYS A 22 18.78 0.31 2.95
CA CYS A 22 20.02 0.48 2.18
C CYS A 22 21.05 -0.60 2.49
N LEU A 23 21.25 -0.94 3.76
CA LEU A 23 22.14 -2.04 4.10
C LEU A 23 21.75 -3.38 3.44
N THR A 24 20.49 -3.76 3.60
CA THR A 24 20.03 -5.07 3.11
C THR A 24 20.07 -5.14 1.58
N TYR A 25 19.62 -4.07 0.93
CA TYR A 25 19.70 -3.96 -0.51
C TYR A 25 21.14 -3.96 -0.99
N ARG A 26 22.02 -3.30 -0.24
CA ARG A 26 23.44 -3.25 -0.61
C ARG A 26 23.95 -4.68 -0.59
N PHE A 27 23.61 -5.44 0.44
CA PHE A 27 24.11 -6.81 0.49
C PHE A 27 23.53 -7.72 -0.60
N CYS A 28 22.20 -7.70 -0.80
CA CYS A 28 21.59 -8.64 -1.74
C CYS A 28 21.69 -8.28 -3.23
N ALA A 29 21.73 -6.99 -3.54
CA ALA A 29 21.70 -6.51 -4.92
C ALA A 29 23.07 -5.96 -5.36
N GLY A 30 23.91 -5.64 -4.39
CA GLY A 30 25.24 -5.12 -4.67
C GLY A 30 25.26 -3.67 -5.09
N ARG A 31 24.24 -2.92 -4.68
CA ARG A 31 24.11 -1.52 -5.06
C ARG A 31 23.53 -0.69 -3.91
N PHE A 32 23.77 0.61 -3.97
CA PHE A 32 23.04 1.56 -3.14
C PHE A 32 21.72 1.89 -3.84
N PRO A 33 20.61 2.04 -3.08
CA PRO A 33 19.33 2.33 -3.75
C PRO A 33 19.26 3.75 -4.29
N ASP A 34 18.61 3.91 -5.44
CA ASP A 34 18.36 5.22 -6.01
C ASP A 34 17.61 6.08 -5.01
N ARG A 35 16.49 5.56 -4.53
CA ARG A 35 15.66 6.26 -3.58
C ARG A 35 15.15 5.23 -2.58
N THR A 36 14.89 5.64 -1.35
CA THR A 36 14.14 4.78 -0.43
C THR A 36 12.91 5.52 0.08
N GLU A 37 11.97 4.74 0.57
CA GLU A 37 10.78 5.25 1.23
C GLU A 37 10.60 4.47 2.53
N ALA A 38 9.76 4.99 3.42
CA ALA A 38 9.51 4.34 4.71
C ALA A 38 9.06 2.91 4.48
N THR A 39 9.75 1.97 5.09
CA THR A 39 9.41 0.56 4.94
C THR A 39 8.09 0.26 5.67
N ILE A 40 7.12 -0.30 4.96
CA ILE A 40 5.81 -0.55 5.52
C ILE A 40 5.64 -2.06 5.72
N GLY A 41 5.53 -2.46 6.97
CA GLY A 41 5.47 -3.86 7.33
C GLY A 41 6.85 -4.48 7.33
N VAL A 42 7.32 -4.84 6.14
CA VAL A 42 8.61 -5.54 6.00
C VAL A 42 8.94 -5.71 4.52
N ASP A 43 10.22 -5.69 4.19
CA ASP A 43 10.66 -6.05 2.85
C ASP A 43 11.54 -7.29 2.94
N PHE A 44 11.47 -8.18 1.96
CA PHE A 44 12.32 -9.37 2.02
C PHE A 44 13.35 -9.33 0.89
N ARG A 45 14.62 -9.54 1.23
CA ARG A 45 15.66 -9.60 0.20
C ARG A 45 16.49 -10.87 0.39
N GLU A 46 16.70 -11.61 -0.69
CA GLU A 46 17.42 -12.86 -0.62
C GLU A 46 18.70 -12.81 -1.43
N ARG A 47 19.69 -13.57 -0.99
CA ARG A 47 20.90 -13.76 -1.78
C ARG A 47 21.50 -15.14 -1.54
N ALA A 48 21.78 -15.86 -2.62
CA ALA A 48 22.42 -17.18 -2.53
C ALA A 48 23.93 -17.02 -2.46
N VAL A 49 24.55 -17.69 -1.48
CA VAL A 49 25.99 -17.68 -1.37
C VAL A 49 26.51 -19.10 -1.19
N GLU A 50 27.80 -19.30 -1.40
CA GLU A 50 28.39 -20.60 -1.15
C GLU A 50 29.37 -20.46 0.00
N ILE A 51 29.13 -21.19 1.07
CA ILE A 51 30.02 -21.16 2.23
C ILE A 51 30.56 -22.55 2.50
N ASP A 52 31.89 -22.66 2.48
CA ASP A 52 32.57 -23.94 2.71
C ASP A 52 31.97 -25.06 1.87
N GLY A 53 31.51 -24.74 0.68
CA GLY A 53 31.02 -25.73 -0.24
C GLY A 53 29.51 -25.90 -0.28
N GLU A 54 28.80 -25.25 0.64
CA GLU A 54 27.35 -25.40 0.69
C GLU A 54 26.62 -24.18 0.13
N ARG A 55 25.59 -24.42 -0.67
CA ARG A 55 24.75 -23.33 -1.17
C ARG A 55 23.71 -22.97 -0.11
N ILE A 56 23.76 -21.71 0.30
CA ILE A 56 22.92 -21.18 1.35
C ILE A 56 22.12 -20.00 0.83
N LYS A 57 20.83 -19.96 1.12
CA LYS A 57 20.05 -18.76 0.84
C LYS A 57 19.99 -17.89 2.08
N ILE A 58 20.59 -16.71 2.00
CA ILE A 58 20.47 -15.73 3.07
C ILE A 58 19.21 -14.91 2.82
N GLN A 59 18.26 -15.05 3.74
CA GLN A 59 16.98 -14.38 3.62
C GLN A 59 16.84 -13.27 4.65
N LEU A 60 17.01 -12.03 4.20
CA LEU A 60 16.98 -10.86 5.07
C LEU A 60 15.60 -10.25 5.15
N TRP A 61 15.14 -10.05 6.39
CA TRP A 61 13.90 -9.36 6.69
C TRP A 61 14.21 -7.91 7.09
N ASP A 62 13.97 -6.98 6.19
CA ASP A 62 14.18 -5.55 6.45
C ASP A 62 12.91 -5.05 7.13
N THR A 63 12.93 -4.97 8.47
CA THR A 63 11.67 -4.71 9.17
C THR A 63 11.35 -3.22 9.22
N ALA A 64 10.15 -2.88 9.67
CA ALA A 64 9.79 -1.48 9.83
C ALA A 64 10.15 -0.99 11.24
N GLY A 65 10.50 0.28 11.36
CA GLY A 65 10.89 0.85 12.63
C GLY A 65 9.84 1.77 13.21
N GLN A 66 8.91 2.21 12.38
CA GLN A 66 7.81 3.03 12.84
C GLN A 66 6.74 2.16 13.45
N GLU A 67 6.24 2.57 14.60
CA GLU A 67 5.21 1.84 15.32
C GLU A 67 4.02 1.47 14.42
N ARG A 68 3.47 2.45 13.70
CA ARG A 68 2.28 2.20 12.89
C ARG A 68 2.56 1.34 11.68
N PHE A 69 3.83 1.14 11.36
CA PHE A 69 4.19 0.33 10.22
C PHE A 69 4.66 -1.07 10.62
N ARG A 70 4.66 -1.35 11.92
CA ARG A 70 5.06 -2.68 12.36
C ARG A 70 4.02 -3.30 13.27
N LYS A 71 2.86 -2.66 13.39
CA LYS A 71 1.77 -3.18 14.21
C LYS A 71 1.38 -4.61 13.79
N SER A 72 1.38 -5.50 14.78
CA SER A 72 1.03 -6.91 14.60
C SER A 72 1.94 -7.64 13.61
N MET A 73 3.14 -7.13 13.40
CA MET A 73 4.13 -7.82 12.58
C MET A 73 5.15 -8.62 13.42
N VAL A 74 5.32 -8.24 14.68
CA VAL A 74 6.52 -8.67 15.43
C VAL A 74 6.56 -10.20 15.62
N GLN A 75 5.39 -10.77 15.90
CA GLN A 75 5.24 -12.22 15.90
C GLN A 75 5.81 -12.85 14.63
N HIS A 76 5.53 -12.23 13.48
CA HIS A 76 6.01 -12.74 12.19
C HIS A 76 7.53 -12.52 12.01
N TYR A 77 8.02 -11.34 12.38
CA TYR A 77 9.47 -11.11 12.36
C TYR A 77 10.18 -12.24 13.10
N TYR A 78 9.72 -12.53 14.31
CA TYR A 78 10.47 -13.40 15.20
C TYR A 78 10.15 -14.88 15.06
N ARG A 79 9.22 -15.24 14.18
CA ARG A 79 8.91 -16.67 14.01
C ARG A 79 10.04 -17.40 13.31
N ASN A 80 10.66 -18.34 14.04
CA ASN A 80 11.73 -19.17 13.48
C ASN A 80 12.93 -18.36 12.94
N VAL A 81 13.24 -17.24 13.59
CA VAL A 81 14.34 -16.39 13.18
C VAL A 81 15.68 -17.04 13.54
N HIS A 82 16.67 -16.91 12.66
CA HIS A 82 17.97 -17.54 12.87
C HIS A 82 18.97 -16.56 13.40
N ALA A 83 18.86 -15.30 13.00
CA ALA A 83 19.74 -14.30 13.63
C ALA A 83 19.14 -12.92 13.62
N VAL A 84 19.62 -12.10 14.56
CA VAL A 84 19.11 -10.75 14.72
C VAL A 84 20.20 -9.71 14.55
N VAL A 85 19.94 -8.76 13.66
CA VAL A 85 20.85 -7.63 13.42
C VAL A 85 20.20 -6.33 13.90
N PHE A 86 20.80 -5.74 14.92
CA PHE A 86 20.35 -4.45 15.42
C PHE A 86 21.15 -3.37 14.70
N VAL A 87 20.48 -2.28 14.36
CA VAL A 87 21.12 -1.21 13.61
C VAL A 87 20.83 0.17 14.18
N TYR A 88 21.89 0.96 14.38
CA TYR A 88 21.70 2.39 14.65
C TYR A 88 22.43 3.28 13.63
N ASP A 89 22.15 4.58 13.69
CA ASP A 89 22.78 5.58 12.84
C ASP A 89 23.90 6.26 13.63
N MET A 90 25.15 6.08 13.18
CA MET A 90 26.29 6.64 13.89
C MET A 90 26.22 8.16 14.03
N THR A 91 25.43 8.81 13.17
CA THR A 91 25.26 10.27 13.24
C THR A 91 24.06 10.69 14.06
N ASN A 92 23.40 9.73 14.70
CA ASN A 92 22.17 10.02 15.42
C ASN A 92 22.16 9.30 16.78
N MET A 93 22.43 10.05 17.85
CA MET A 93 22.61 9.45 19.16
C MET A 93 21.29 8.84 19.69
N ALA A 94 20.18 9.47 19.31
CA ALA A 94 18.86 9.00 19.74
C ALA A 94 18.61 7.57 19.24
N SER A 95 19.05 7.27 18.02
CA SER A 95 18.87 5.95 17.44
C SER A 95 19.70 4.91 18.20
N PHE A 96 20.79 5.36 18.82
CA PHE A 96 21.62 4.47 19.61
C PHE A 96 20.96 4.25 20.96
N HIS A 97 20.36 5.31 21.53
CA HIS A 97 19.65 5.18 22.79
C HIS A 97 18.37 4.35 22.69
N SER A 98 17.86 4.14 21.47
CA SER A 98 16.68 3.31 21.27
C SER A 98 16.98 1.82 21.45
N LEU A 99 18.26 1.45 21.35
CA LEU A 99 18.63 0.04 21.34
C LEU A 99 18.12 -0.80 22.55
N PRO A 100 18.18 -0.24 23.78
CA PRO A 100 17.63 -1.05 24.88
C PRO A 100 16.18 -1.49 24.65
N SER A 101 15.31 -0.62 24.17
CA SER A 101 13.91 -1.04 23.90
C SER A 101 13.83 -2.11 22.79
N TRP A 102 14.64 -1.97 21.74
CA TRP A 102 14.64 -2.99 20.68
C TRP A 102 15.07 -4.34 21.23
N ILE A 103 16.13 -4.34 22.04
CA ILE A 103 16.61 -5.56 22.64
C ILE A 103 15.57 -6.17 23.60
N GLU A 104 14.84 -5.32 24.31
CA GLU A 104 13.82 -5.83 25.23
C GLU A 104 12.73 -6.52 24.41
N GLU A 105 12.44 -5.96 23.23
CA GLU A 105 11.44 -6.59 22.38
C GLU A 105 11.95 -7.95 21.89
N CYS A 106 13.20 -7.97 21.45
CA CYS A 106 13.83 -9.21 21.00
C CYS A 106 13.79 -10.30 22.09
N LYS A 107 14.14 -9.91 23.31
CA LYS A 107 14.21 -10.83 24.46
C LYS A 107 12.82 -11.34 24.80
N GLN A 108 11.82 -10.46 24.76
CA GLN A 108 10.44 -10.87 25.01
C GLN A 108 9.84 -11.67 23.85
N HIS A 109 10.51 -11.71 22.71
CA HIS A 109 9.93 -12.45 21.59
C HIS A 109 10.73 -13.64 21.07
N LEU A 110 12.02 -13.72 21.38
CA LEU A 110 12.79 -14.90 20.98
C LEU A 110 12.26 -16.15 21.66
N LEU A 111 12.31 -17.27 20.94
CA LEU A 111 11.81 -18.51 21.45
C LEU A 111 12.92 -19.53 21.73
N ALA A 112 14.17 -19.11 21.60
CA ALA A 112 15.28 -19.98 21.95
C ALA A 112 16.39 -19.12 22.53
N ASN A 113 17.24 -19.71 23.35
CA ASN A 113 18.25 -18.90 24.02
C ASN A 113 19.58 -18.92 23.24
N ASP A 114 19.57 -19.50 22.04
CA ASP A 114 20.82 -19.64 21.29
C ASP A 114 20.79 -18.96 19.92
N ILE A 115 20.01 -17.88 19.82
CA ILE A 115 19.96 -17.11 18.58
C ILE A 115 20.97 -15.95 18.62
N PRO A 116 21.99 -16.00 17.76
CA PRO A 116 22.97 -14.90 17.75
C PRO A 116 22.35 -13.53 17.36
N ARG A 117 22.87 -12.50 18.02
CA ARG A 117 22.50 -11.11 17.80
C ARG A 117 23.80 -10.31 17.52
N ILE A 118 23.76 -9.37 16.56
CA ILE A 118 24.89 -8.48 16.32
C ILE A 118 24.46 -7.01 16.29
N LEU A 119 25.44 -6.12 16.43
CA LEU A 119 25.14 -4.70 16.48
C LEU A 119 25.90 -3.97 15.37
N VAL A 120 25.17 -3.15 14.61
CA VAL A 120 25.72 -2.44 13.45
C VAL A 120 25.42 -0.94 13.53
N GLY A 121 26.49 -0.16 13.64
CA GLY A 121 26.42 1.28 13.41
C GLY A 121 26.65 1.56 11.93
N ASN A 122 25.66 2.22 11.32
CA ASN A 122 25.70 2.58 9.91
C ASN A 122 26.07 4.05 9.66
N LYS A 123 26.45 4.34 8.42
CA LYS A 123 26.74 5.69 7.92
C LYS A 123 28.08 6.18 8.48
N CYS A 124 29.01 5.26 8.62
CA CYS A 124 30.35 5.60 9.07
C CYS A 124 31.04 6.53 8.07
N ASP A 125 30.51 6.63 6.84
CA ASP A 125 31.09 7.54 5.85
C ASP A 125 30.91 9.01 6.21
N LEU A 126 29.98 9.31 7.11
CA LEU A 126 29.63 10.69 7.42
C LEU A 126 30.40 11.19 8.64
N ARG A 127 31.73 11.14 8.54
CA ARG A 127 32.60 11.26 9.70
C ARG A 127 32.49 12.61 10.42
N SER A 128 32.22 13.67 9.67
CA SER A 128 32.15 15.00 10.28
C SER A 128 30.85 15.18 11.08
N ALA A 129 29.96 14.20 11.05
CA ALA A 129 28.69 14.30 11.75
C ALA A 129 28.40 13.16 12.74
N ILE A 130 29.39 12.30 12.98
CA ILE A 130 29.24 11.18 13.91
C ILE A 130 28.95 11.62 15.35
N GLN A 131 27.95 11.01 15.97
CA GLN A 131 27.51 11.36 17.32
C GLN A 131 27.80 10.25 18.33
N VAL A 132 28.05 9.05 17.81
CA VAL A 132 28.23 7.88 18.64
C VAL A 132 29.67 7.40 18.60
N PRO A 133 30.44 7.71 19.64
CA PRO A 133 31.84 7.27 19.66
C PRO A 133 31.93 5.75 19.70
N THR A 134 32.94 5.23 19.02
CA THR A 134 33.21 3.80 18.94
C THR A 134 33.30 3.11 20.30
N ASP A 135 33.89 3.77 21.29
CA ASP A 135 34.13 3.08 22.55
C ASP A 135 32.83 2.87 23.34
N LEU A 136 31.92 3.85 23.25
CA LEU A 136 30.59 3.73 23.84
C LEU A 136 29.84 2.51 23.28
N ALA A 137 29.74 2.47 21.96
CA ALA A 137 29.06 1.40 21.26
C ALA A 137 29.71 0.05 21.52
N GLN A 138 31.03 0.05 21.56
CA GLN A 138 31.79 -1.16 21.81
C GLN A 138 31.44 -1.72 23.18
N LYS A 139 31.38 -0.84 24.19
CA LYS A 139 31.10 -1.26 25.55
C LYS A 139 29.67 -1.83 25.65
N PHE A 140 28.75 -1.12 24.99
CA PHE A 140 27.37 -1.57 24.89
C PHE A 140 27.29 -2.99 24.30
N ALA A 141 27.99 -3.20 23.19
CA ALA A 141 27.96 -4.48 22.47
C ALA A 141 28.62 -5.61 23.26
N ASP A 142 29.70 -5.28 23.95
CA ASP A 142 30.43 -6.26 24.71
C ASP A 142 29.56 -6.71 25.85
N THR A 143 28.96 -5.75 26.55
CA THR A 143 28.18 -6.11 27.72
C THR A 143 26.89 -6.84 27.36
N HIS A 144 26.48 -6.80 26.10
CA HIS A 144 25.29 -7.52 25.64
C HIS A 144 25.65 -8.79 24.84
N SER A 145 26.92 -9.18 24.83
CA SER A 145 27.38 -10.33 24.03
C SER A 145 27.13 -10.20 22.52
N MET A 146 27.20 -8.99 21.99
CA MET A 146 27.11 -8.81 20.54
C MET A 146 28.44 -8.29 19.97
N PRO A 147 28.89 -8.86 18.85
CA PRO A 147 29.95 -8.14 18.11
C PRO A 147 29.48 -6.79 17.58
N LEU A 148 30.38 -5.81 17.53
CA LEU A 148 30.09 -4.50 16.98
C LEU A 148 30.70 -4.33 15.58
N PHE A 149 29.93 -3.82 14.63
CA PHE A 149 30.49 -3.43 13.34
C PHE A 149 30.17 -2.00 13.05
N GLU A 150 31.15 -1.24 12.56
CA GLU A 150 30.88 0.12 12.09
C GLU A 150 31.09 0.21 10.58
N THR A 151 30.03 0.58 9.86
CA THR A 151 29.95 0.33 8.42
C THR A 151 29.26 1.45 7.66
N SER A 152 29.21 1.30 6.34
CA SER A 152 28.53 2.27 5.47
C SER A 152 27.89 1.58 4.27
N ALA A 153 26.56 1.61 4.21
CA ALA A 153 25.84 1.03 3.08
C ALA A 153 26.19 1.82 1.79
N LYS A 154 26.37 3.12 1.93
CA LYS A 154 26.71 3.97 0.80
C LYS A 154 28.12 3.68 0.24
N ASN A 155 29.12 3.66 1.12
CA ASN A 155 30.50 3.32 0.72
C ASN A 155 30.90 1.99 1.35
N PRO A 156 30.72 0.91 0.58
CA PRO A 156 30.65 -0.43 1.19
C PRO A 156 32.00 -1.04 1.51
N ASN A 157 33.08 -0.34 1.21
CA ASN A 157 34.40 -0.85 1.60
C ASN A 157 35.00 -0.08 2.77
N ASP A 158 34.25 0.89 3.30
CA ASP A 158 34.70 1.69 4.42
C ASP A 158 34.63 0.89 5.72
N ASN A 159 35.61 1.10 6.60
CA ASN A 159 35.74 0.40 7.88
C ASN A 159 35.36 -1.08 7.80
N ASP A 160 34.29 -1.50 8.49
CA ASP A 160 33.79 -2.85 8.31
C ASP A 160 33.00 -2.97 7.02
N HIS A 161 33.47 -3.81 6.10
CA HIS A 161 32.78 -3.98 4.82
C HIS A 161 31.41 -4.63 5.05
N VAL A 162 30.38 -4.13 4.36
CA VAL A 162 29.01 -4.65 4.49
C VAL A 162 28.96 -6.16 4.24
N GLU A 163 29.54 -6.52 3.10
CA GLU A 163 29.65 -7.90 2.69
C GLU A 163 30.23 -8.76 3.80
N ALA A 164 31.28 -8.25 4.43
CA ALA A 164 31.98 -9.01 5.43
C ALA A 164 31.07 -9.24 6.63
N ILE A 165 30.28 -8.23 6.99
CA ILE A 165 29.37 -8.36 8.10
C ILE A 165 28.43 -9.54 7.87
N PHE A 166 27.71 -9.46 6.75
CA PHE A 166 26.68 -10.49 6.56
C PHE A 166 27.29 -11.88 6.31
N MET A 167 28.41 -11.93 5.60
CA MET A 167 29.08 -13.20 5.30
C MET A 167 29.64 -13.84 6.56
N THR A 168 30.10 -13.01 7.48
CA THR A 168 30.62 -13.50 8.74
C THR A 168 29.48 -14.13 9.52
N LEU A 169 28.37 -13.40 9.60
CA LEU A 169 27.21 -13.90 10.32
C LEU A 169 26.76 -15.26 9.74
N ALA A 170 26.68 -15.31 8.42
CA ALA A 170 26.25 -16.52 7.73
C ALA A 170 27.21 -17.67 7.97
N HIS A 171 28.51 -17.34 8.00
CA HIS A 171 29.53 -18.33 8.31
C HIS A 171 29.32 -18.94 9.70
N LYS A 172 29.08 -18.07 10.69
CA LYS A 172 28.84 -18.57 12.05
C LYS A 172 27.58 -19.43 12.13
N LEU A 173 26.50 -19.00 11.46
CA LEU A 173 25.29 -19.82 11.41
C LEU A 173 25.57 -21.19 10.83
N LYS A 174 26.24 -21.24 9.69
CA LYS A 174 26.50 -22.53 9.07
C LYS A 174 27.39 -23.40 9.95
N SER A 175 28.33 -22.79 10.64
CA SER A 175 29.28 -23.57 11.42
C SER A 175 28.77 -23.91 12.81
N HIS A 176 27.73 -23.19 13.24
N HIS A 176 27.72 -23.21 13.22
CA HIS A 176 27.26 -23.23 14.63
CA HIS A 176 27.26 -23.20 14.62
C HIS A 176 28.43 -22.90 15.57
C HIS A 176 28.44 -22.90 15.55
N LYS A 177 29.20 -21.88 15.20
CA LYS A 177 30.39 -21.48 15.97
C LYS A 177 30.17 -20.17 16.72
N PRO A 178 30.97 -19.93 17.77
CA PRO A 178 30.95 -18.63 18.46
C PRO A 178 31.32 -17.47 17.53
N MET B 1 -5.54 65.28 19.52
CA MET B 1 -6.14 66.44 20.17
C MET B 1 -5.45 66.75 21.48
N LEU B 2 -5.11 68.01 21.67
CA LEU B 2 -4.39 68.44 22.86
C LEU B 2 -5.32 68.49 24.08
N GLU B 3 -6.56 68.91 23.84
CA GLU B 3 -7.60 68.85 24.87
C GLU B 3 -8.86 68.19 24.32
N THR B 4 -9.15 66.99 24.83
CA THR B 4 -10.30 66.22 24.36
C THR B 4 -11.62 66.86 24.80
N ASN B 5 -12.55 66.95 23.86
CA ASN B 5 -13.90 67.34 24.18
C ASN B 5 -14.85 66.18 23.93
N CYS B 6 -16.14 66.40 24.14
CA CYS B 6 -17.10 65.32 24.04
C CYS B 6 -17.34 64.89 22.58
N LEU B 7 -17.12 65.78 21.62
CA LEU B 7 -17.24 65.43 20.20
C LEU B 7 -16.20 64.38 19.78
N ASP B 8 -14.95 64.64 20.15
CA ASP B 8 -13.84 63.72 19.93
C ASP B 8 -14.03 62.34 20.60
N LEU B 9 -14.48 62.37 21.85
CA LEU B 9 -14.80 61.15 22.58
C LEU B 9 -15.90 60.35 21.89
N ARG B 10 -16.95 61.05 21.45
CA ARG B 10 -18.09 60.39 20.81
C ARG B 10 -17.74 59.78 19.45
N THR B 11 -16.92 60.48 18.66
CA THR B 11 -16.56 59.94 17.35
C THR B 11 -15.59 58.76 17.54
N LYS B 12 -14.74 58.85 18.56
CA LYS B 12 -13.94 57.69 18.98
C LYS B 12 -14.85 56.50 19.32
N LEU B 13 -15.91 56.76 20.09
CA LEU B 13 -16.82 55.71 20.55
C LEU B 13 -17.51 55.02 19.37
N GLN B 14 -18.07 55.82 18.47
CA GLN B 14 -18.76 55.25 17.29
C GLN B 14 -17.79 54.44 16.42
N ASP B 15 -16.57 54.94 16.27
CA ASP B 15 -15.57 54.23 15.48
C ASP B 15 -15.19 52.87 16.10
N LEU B 16 -14.94 52.87 17.41
CA LEU B 16 -14.64 51.63 18.12
C LEU B 16 -15.81 50.66 18.02
N GLU B 17 -17.03 51.18 18.13
CA GLU B 17 -18.21 50.33 18.08
C GLU B 17 -18.42 49.73 16.69
N VAL B 18 -17.91 50.42 15.65
CA VAL B 18 -17.92 49.86 14.30
C VAL B 18 -16.87 48.74 14.14
N ALA B 19 -15.63 49.06 14.52
CA ALA B 19 -14.54 48.07 14.49
C ALA B 19 -14.88 46.81 15.29
N ASN B 20 -15.66 46.99 16.35
CA ASN B 20 -16.08 45.90 17.22
C ASN B 20 -16.92 44.86 16.50
N GLN B 21 -17.99 45.32 15.84
CA GLN B 21 -18.85 44.41 15.08
C GLN B 21 -18.14 43.88 13.85
N THR B 22 -17.20 44.65 13.31
CA THR B 22 -16.37 44.16 12.22
C THR B 22 -15.59 42.91 12.67
N LEU B 23 -14.82 43.06 13.75
CA LEU B 23 -14.00 41.97 14.27
C LEU B 23 -14.88 40.82 14.79
N LYS B 24 -16.09 41.16 15.23
CA LYS B 24 -17.06 40.17 15.69
C LYS B 24 -17.49 39.28 14.53
N ASP B 25 -17.84 39.90 13.42
CA ASP B 25 -18.22 39.19 12.20
C ASP B 25 -17.05 38.34 11.71
N GLU B 26 -15.85 38.92 11.75
CA GLU B 26 -14.65 38.20 11.32
C GLU B 26 -14.37 37.00 12.23
N TYR B 27 -14.78 37.10 13.49
CA TYR B 27 -14.64 36.01 14.45
C TYR B 27 -15.65 34.89 14.17
N ASP B 28 -16.92 35.26 14.05
CA ASP B 28 -17.99 34.31 13.80
C ASP B 28 -17.80 33.59 12.47
N ALA B 29 -17.15 34.26 11.52
CA ALA B 29 -16.92 33.68 10.20
C ALA B 29 -15.75 32.69 10.21
N LEU B 30 -15.09 32.55 11.35
CA LEU B 30 -13.97 31.62 11.47
C LEU B 30 -14.17 30.61 12.60
N GLN B 31 -15.13 30.85 13.48
CA GLN B 31 -15.38 29.96 14.61
C GLN B 31 -16.02 28.66 14.17
N ILE B 32 -16.60 28.64 12.96
CA ILE B 32 -17.28 27.46 12.45
C ILE B 32 -16.57 26.91 11.20
N THR B 33 -15.87 27.78 10.49
CA THR B 33 -15.01 27.33 9.39
C THR B 33 -13.94 26.40 9.98
N PHE B 34 -13.64 26.64 11.25
CA PHE B 34 -12.77 25.78 12.05
C PHE B 34 -13.42 24.42 12.26
N THR B 35 -14.72 24.42 12.51
CA THR B 35 -15.46 23.17 12.73
C THR B 35 -15.46 22.32 11.46
N ALA B 36 -15.64 23.01 10.34
CA ALA B 36 -15.62 22.36 9.03
C ALA B 36 -14.24 21.78 8.73
N LEU B 37 -13.20 22.59 8.94
CA LEU B 37 -11.83 22.12 8.75
C LEU B 37 -11.55 20.91 9.65
N GLU B 38 -12.12 20.94 10.84
CA GLU B 38 -12.06 19.82 11.77
C GLU B 38 -12.61 18.56 11.12
N GLU B 39 -13.81 18.68 10.55
CA GLU B 39 -14.44 17.54 9.90
C GLU B 39 -13.61 17.00 8.73
N LYS B 40 -13.08 17.91 7.93
CA LYS B 40 -12.23 17.52 6.81
C LYS B 40 -11.00 16.74 7.26
N LEU B 41 -10.32 17.25 8.30
CA LEU B 41 -9.16 16.56 8.86
C LEU B 41 -9.53 15.18 9.39
N ARG B 42 -10.68 15.10 10.05
CA ARG B 42 -11.16 13.83 10.57
C ARG B 42 -11.32 12.81 9.45
N LYS B 43 -12.01 13.22 8.38
CA LYS B 43 -12.24 12.35 7.23
C LYS B 43 -10.93 11.88 6.59
N THR B 44 -10.03 12.82 6.38
CA THR B 44 -8.74 12.54 5.72
C THR B 44 -7.89 11.58 6.56
N THR B 45 -7.88 11.80 7.87
CA THR B 45 -7.14 10.94 8.79
C THR B 45 -7.75 9.53 8.76
N GLU B 46 -9.06 9.47 8.64
CA GLU B 46 -9.78 8.20 8.51
C GLU B 46 -9.32 7.42 7.27
N GLU B 47 -9.32 8.09 6.12
CA GLU B 47 -8.84 7.46 4.89
C GLU B 47 -7.39 6.98 5.06
N ASN B 48 -6.59 7.82 5.69
CA ASN B 48 -5.20 7.50 5.98
C ASN B 48 -5.08 6.17 6.71
N GLN B 49 -5.84 6.03 7.79
CA GLN B 49 -5.80 4.83 8.58
C GLN B 49 -6.32 3.61 7.82
N GLU B 50 -7.32 3.81 6.95
CA GLU B 50 -7.80 2.67 6.17
C GLU B 50 -6.71 2.15 5.25
N LEU B 51 -6.07 3.08 4.54
CA LEU B 51 -5.02 2.72 3.60
C LEU B 51 -3.91 1.95 4.31
N VAL B 52 -3.44 2.51 5.42
CA VAL B 52 -2.36 1.85 6.14
C VAL B 52 -2.78 0.48 6.65
N THR B 53 -3.93 0.41 7.33
CA THR B 53 -4.43 -0.88 7.83
C THR B 53 -4.50 -1.96 6.73
N ARG B 54 -5.05 -1.62 5.56
CA ARG B 54 -5.07 -2.60 4.46
C ARG B 54 -3.65 -3.00 3.97
N TRP B 55 -2.75 -2.03 3.91
CA TRP B 55 -1.38 -2.33 3.52
C TRP B 55 -0.69 -3.30 4.52
N MET B 56 -0.73 -2.94 5.81
CA MET B 56 -0.26 -3.80 6.89
C MET B 56 -0.89 -5.19 6.91
N ALA B 57 -2.18 -5.29 6.59
CA ALA B 57 -2.84 -6.59 6.55
C ALA B 57 -2.23 -7.45 5.44
N GLU B 58 -1.98 -6.83 4.28
CA GLU B 58 -1.37 -7.61 3.21
C GLU B 58 0.05 -8.04 3.62
N LYS B 59 0.85 -7.12 4.15
CA LYS B 59 2.21 -7.46 4.57
C LYS B 59 2.24 -8.59 5.64
N ALA B 60 1.27 -8.59 6.54
CA ALA B 60 1.19 -9.64 7.56
C ALA B 60 0.87 -10.99 6.93
N GLN B 61 -0.05 -11.02 5.97
CA GLN B 61 -0.35 -12.28 5.29
C GLN B 61 0.88 -12.78 4.51
N GLU B 62 1.62 -11.85 3.93
CA GLU B 62 2.77 -12.23 3.12
C GLU B 62 3.89 -12.79 4.00
N ALA B 63 4.09 -12.17 5.16
CA ALA B 63 5.11 -12.64 6.09
C ALA B 63 4.74 -14.02 6.63
N ASN B 64 3.47 -14.18 6.99
CA ASN B 64 2.99 -15.48 7.43
C ASN B 64 3.26 -16.55 6.36
N ARG B 65 2.89 -16.25 5.12
CA ARG B 65 3.12 -17.20 4.04
C ARG B 65 4.60 -17.54 3.94
N LEU B 66 5.47 -16.53 3.99
CA LEU B 66 6.90 -16.79 3.80
C LEU B 66 7.43 -17.71 4.90
N ASN B 67 7.05 -17.45 6.15
CA ASN B 67 7.40 -18.35 7.24
C ASN B 67 6.91 -19.78 7.02
N ALA B 68 5.68 -19.91 6.51
CA ALA B 68 5.17 -21.26 6.24
C ALA B 68 5.97 -21.94 5.13
N GLU B 69 6.33 -21.18 4.10
CA GLU B 69 7.09 -21.76 2.99
C GLU B 69 8.50 -22.17 3.43
N ASN B 70 9.10 -21.36 4.30
CA ASN B 70 10.40 -21.69 4.90
C ASN B 70 10.32 -22.99 5.69
N GLU B 71 9.29 -23.09 6.52
CA GLU B 71 9.13 -24.29 7.33
C GLU B 71 8.92 -25.53 6.45
N LYS B 72 8.08 -25.36 5.44
CA LYS B 72 7.84 -26.40 4.45
C LYS B 72 9.15 -26.87 3.82
N ASP B 73 9.95 -25.92 3.36
CA ASP B 73 11.24 -26.21 2.75
C ASP B 73 12.17 -26.97 3.68
N SER B 74 12.18 -26.55 4.95
CA SER B 74 13.00 -27.19 5.96
C SER B 74 12.61 -28.65 6.18
N ARG B 75 11.31 -28.91 6.36
CA ARG B 75 10.84 -30.27 6.56
C ARG B 75 11.00 -31.13 5.31
N ARG B 76 10.89 -30.52 4.13
CA ARG B 76 11.18 -31.17 2.86
C ARG B 76 12.62 -31.66 2.83
N ARG B 77 13.53 -30.73 3.09
CA ARG B 77 14.95 -31.01 3.08
C ARG B 77 15.30 -32.10 4.08
N GLN B 78 14.70 -32.04 5.27
CA GLN B 78 14.96 -33.05 6.27
C GLN B 78 14.22 -34.36 5.96
N ALA B 79 13.31 -34.31 5.00
CA ALA B 79 12.69 -35.53 4.49
C ALA B 79 13.61 -36.20 3.50
N ARG B 80 14.34 -35.40 2.73
CA ARG B 80 15.40 -35.93 1.88
C ARG B 80 16.44 -36.68 2.69
N LEU B 81 16.72 -36.16 3.88
CA LEU B 81 17.79 -36.67 4.74
C LEU B 81 17.42 -38.02 5.37
N GLN B 82 16.14 -38.35 5.34
CA GLN B 82 15.68 -39.63 5.89
C GLN B 82 15.55 -40.70 4.82
N LYS B 83 15.42 -40.28 3.57
CA LYS B 83 15.36 -41.20 2.44
C LYS B 83 16.74 -41.38 1.81
N GLU B 84 17.78 -41.11 2.60
CA GLU B 84 19.15 -41.41 2.21
C GLU B 84 19.80 -42.25 3.30
N LEU B 85 19.26 -42.12 4.52
CA LEU B 85 19.69 -42.93 5.65
C LEU B 85 18.95 -44.26 5.68
N ALA B 86 18.54 -44.72 4.49
CA ALA B 86 17.81 -45.97 4.35
C ALA B 86 18.76 -47.17 4.22
N ARG C 4 2.27 -25.87 -23.34
CA ARG C 4 1.07 -25.90 -24.16
C ARG C 4 0.03 -24.92 -23.62
N SER C 5 0.13 -24.60 -22.34
CA SER C 5 -0.85 -23.77 -21.67
C SER C 5 -0.80 -22.30 -22.11
N ARG C 6 -1.61 -21.95 -23.10
CA ARG C 6 -1.68 -20.58 -23.57
C ARG C 6 -2.57 -19.73 -22.67
N ILE C 7 -2.36 -18.41 -22.74
CA ILE C 7 -2.99 -17.46 -21.82
C ILE C 7 -3.94 -16.49 -22.50
N PHE C 8 -5.14 -16.30 -21.95
CA PHE C 8 -6.05 -15.27 -22.43
C PHE C 8 -6.15 -14.15 -21.41
N LYS C 9 -5.63 -12.98 -21.78
CA LYS C 9 -5.83 -11.79 -20.95
C LYS C 9 -7.19 -11.13 -21.23
N ILE C 10 -7.98 -11.07 -20.17
CA ILE C 10 -9.31 -10.51 -20.25
C ILE C 10 -9.48 -9.40 -19.22
N ILE C 11 -9.75 -8.18 -19.68
CA ILE C 11 -9.87 -7.11 -18.69
C ILE C 11 -11.31 -6.79 -18.36
N VAL C 12 -11.53 -6.44 -17.10
CA VAL C 12 -12.84 -6.11 -16.62
C VAL C 12 -12.91 -4.64 -16.19
N ILE C 13 -13.81 -3.95 -16.88
CA ILE C 13 -13.93 -2.49 -16.91
C ILE C 13 -15.29 -2.09 -16.42
N GLY C 14 -15.38 -0.98 -15.70
CA GLY C 14 -16.67 -0.49 -15.25
C GLY C 14 -16.60 0.39 -14.02
N ASP C 15 -17.70 1.10 -13.76
CA ASP C 15 -17.81 1.97 -12.60
C ASP C 15 -17.50 1.23 -11.28
N SER C 16 -17.16 2.00 -10.26
CA SER C 16 -16.98 1.45 -8.92
C SER C 16 -18.27 0.81 -8.41
N ASN C 17 -18.12 -0.32 -7.73
CA ASN C 17 -19.21 -0.96 -7.01
C ASN C 17 -20.26 -1.64 -7.89
N VAL C 18 -19.93 -1.95 -9.13
CA VAL C 18 -20.86 -2.70 -9.96
C VAL C 18 -20.65 -4.19 -9.69
N GLY C 19 -19.52 -4.51 -9.06
CA GLY C 19 -19.19 -5.87 -8.69
C GLY C 19 -18.13 -6.58 -9.52
N LYS C 20 -17.15 -5.83 -10.01
CA LYS C 20 -16.07 -6.40 -10.82
C LYS C 20 -15.20 -7.37 -10.03
N THR C 21 -14.83 -6.92 -8.83
CA THR C 21 -14.10 -7.76 -7.92
C THR C 21 -14.90 -9.05 -7.60
N CYS C 22 -16.18 -8.92 -7.20
CA CYS C 22 -17.01 -10.10 -6.92
C CYS C 22 -17.20 -11.04 -8.12
N LEU C 23 -17.31 -10.49 -9.32
CA LEU C 23 -17.50 -11.32 -10.51
C LEU C 23 -16.26 -12.13 -10.81
N THR C 24 -15.12 -11.44 -10.88
CA THR C 24 -13.87 -12.11 -11.23
C THR C 24 -13.50 -13.14 -10.16
N TYR C 25 -13.67 -12.77 -8.90
CA TYR C 25 -13.41 -13.69 -7.80
C TYR C 25 -14.37 -14.89 -7.81
N ARG C 26 -15.62 -14.64 -8.14
CA ARG C 26 -16.58 -15.74 -8.25
C ARG C 26 -16.15 -16.71 -9.32
N PHE C 27 -15.76 -16.19 -10.48
CA PHE C 27 -15.33 -17.10 -11.52
C PHE C 27 -14.05 -17.86 -11.17
N CYS C 28 -13.02 -17.19 -10.63
CA CYS C 28 -11.73 -17.87 -10.38
C CYS C 28 -11.68 -18.73 -9.11
N ALA C 29 -12.40 -18.34 -8.08
CA ALA C 29 -12.26 -19.01 -6.80
C ALA C 29 -13.52 -19.85 -6.51
N GLY C 30 -14.63 -19.46 -7.11
CA GLY C 30 -15.83 -20.26 -7.04
C GLY C 30 -16.60 -20.00 -5.77
N ARG C 31 -16.47 -18.77 -5.28
CA ARG C 31 -17.17 -18.35 -4.08
C ARG C 31 -17.33 -16.84 -4.10
N PHE C 32 -18.16 -16.33 -3.20
CA PHE C 32 -18.42 -14.91 -3.09
C PHE C 32 -17.52 -14.35 -1.98
N PRO C 33 -16.94 -13.17 -2.21
CA PRO C 33 -16.03 -12.58 -1.21
C PRO C 33 -16.72 -12.32 0.12
N ASP C 34 -16.01 -12.60 1.21
CA ASP C 34 -16.48 -12.27 2.55
C ASP C 34 -16.63 -10.77 2.67
N ARG C 35 -15.76 -10.04 1.96
CA ARG C 35 -15.71 -8.60 2.05
C ARG C 35 -14.89 -8.04 0.87
N THR C 36 -15.25 -6.89 0.33
CA THR C 36 -14.37 -6.24 -0.67
C THR C 36 -14.01 -4.83 -0.25
N GLU C 37 -12.95 -4.32 -0.85
CA GLU C 37 -12.58 -2.92 -0.73
C GLU C 37 -12.34 -2.36 -2.12
N ALA C 38 -12.23 -1.04 -2.17
CA ALA C 38 -11.96 -0.34 -3.42
C ALA C 38 -10.73 -0.95 -4.09
N THR C 39 -10.87 -1.30 -5.34
CA THR C 39 -9.77 -1.86 -6.11
C THR C 39 -8.76 -0.75 -6.48
N ILE C 40 -7.51 -0.95 -6.11
CA ILE C 40 -6.48 0.08 -6.30
C ILE C 40 -5.50 -0.38 -7.37
N GLY C 41 -5.49 0.32 -8.50
CA GLY C 41 -4.64 -0.07 -9.61
C GLY C 41 -5.30 -1.18 -10.39
N VAL C 42 -5.06 -2.40 -9.96
CA VAL C 42 -5.65 -3.58 -10.60
C VAL C 42 -5.42 -4.81 -9.71
N ASP C 43 -6.26 -5.83 -9.89
CA ASP C 43 -6.06 -7.12 -9.24
C ASP C 43 -6.05 -8.24 -10.28
N PHE C 44 -5.16 -9.20 -10.12
CA PHE C 44 -5.05 -10.27 -11.10
C PHE C 44 -5.61 -11.58 -10.56
N ARG C 45 -6.62 -12.13 -11.22
CA ARG C 45 -7.12 -13.44 -10.82
C ARG C 45 -7.08 -14.41 -11.98
N GLU C 46 -6.55 -15.60 -11.73
CA GLU C 46 -6.29 -16.56 -12.79
C GLU C 46 -6.96 -17.90 -12.53
N ARG C 47 -7.43 -18.53 -13.59
CA ARG C 47 -8.00 -19.86 -13.49
C ARG C 47 -7.67 -20.71 -14.71
N ALA C 48 -7.11 -21.89 -14.48
CA ALA C 48 -6.83 -22.83 -15.56
C ALA C 48 -8.04 -23.70 -15.84
N VAL C 49 -8.43 -23.77 -17.12
CA VAL C 49 -9.50 -24.66 -17.54
C VAL C 49 -9.03 -25.47 -18.73
N GLU C 50 -9.86 -26.40 -19.17
CA GLU C 50 -9.52 -27.20 -20.35
C GLU C 50 -10.63 -27.12 -21.38
N ILE C 51 -10.29 -26.63 -22.56
CA ILE C 51 -11.24 -26.56 -23.65
C ILE C 51 -10.71 -27.41 -24.79
N ASP C 52 -11.50 -28.40 -25.20
CA ASP C 52 -11.13 -29.30 -26.29
C ASP C 52 -9.75 -29.91 -26.07
N GLY C 53 -9.48 -30.34 -24.85
CA GLY C 53 -8.22 -30.97 -24.52
C GLY C 53 -7.08 -30.01 -24.27
N GLU C 54 -7.20 -28.77 -24.76
CA GLU C 54 -6.15 -27.79 -24.54
C GLU C 54 -6.29 -27.14 -23.17
N ARG C 55 -5.17 -27.01 -22.47
CA ARG C 55 -5.14 -26.31 -21.20
C ARG C 55 -5.01 -24.80 -21.44
N ILE C 56 -6.00 -24.06 -20.96
CA ILE C 56 -6.06 -22.62 -21.15
C ILE C 56 -6.00 -21.91 -19.80
N LYS C 57 -5.16 -20.89 -19.69
CA LYS C 57 -5.19 -20.07 -18.48
C LYS C 57 -5.95 -18.78 -18.74
N ILE C 58 -7.10 -18.67 -18.08
CA ILE C 58 -7.91 -17.47 -18.16
C ILE C 58 -7.40 -16.50 -17.12
N GLN C 59 -6.92 -15.37 -17.60
CA GLN C 59 -6.29 -14.40 -16.72
C GLN C 59 -7.09 -13.10 -16.73
N LEU C 60 -7.84 -12.88 -15.66
CA LEU C 60 -8.73 -11.72 -15.53
C LEU C 60 -8.05 -10.58 -14.81
N TRP C 61 -8.20 -9.39 -15.38
CA TRP C 61 -7.68 -8.17 -14.80
C TRP C 61 -8.87 -7.40 -14.24
N ASP C 62 -9.00 -7.37 -12.91
CA ASP C 62 -10.08 -6.65 -12.27
C ASP C 62 -9.58 -5.22 -12.12
N THR C 63 -10.03 -4.34 -13.03
CA THR C 63 -9.47 -2.98 -13.05
C THR C 63 -10.12 -2.11 -12.00
N ALA C 64 -9.55 -0.92 -11.80
CA ALA C 64 -10.12 0.04 -10.87
C ALA C 64 -11.05 0.98 -11.62
N GLY C 65 -12.14 1.38 -10.98
CA GLY C 65 -13.09 2.25 -11.63
C GLY C 65 -12.91 3.71 -11.22
N GLN C 66 -12.31 3.92 -10.07
CA GLN C 66 -12.03 5.27 -9.59
C GLN C 66 -10.84 5.86 -10.32
N GLU C 67 -10.98 7.11 -10.77
CA GLU C 67 -9.94 7.79 -11.53
C GLU C 67 -8.60 7.78 -10.81
N ARG C 68 -8.59 8.14 -9.52
CA ARG C 68 -7.35 8.24 -8.75
C ARG C 68 -6.68 6.88 -8.54
N PHE C 69 -7.43 5.81 -8.78
CA PHE C 69 -6.94 4.46 -8.52
C PHE C 69 -6.65 3.72 -9.81
N ARG C 70 -6.81 4.42 -10.93
CA ARG C 70 -6.50 3.86 -12.24
C ARG C 70 -5.61 4.82 -13.05
N LYS C 71 -5.28 5.94 -12.42
CA LYS C 71 -4.49 7.04 -13.01
C LYS C 71 -3.49 6.64 -14.11
N SER C 72 -2.52 5.82 -13.73
CA SER C 72 -1.37 5.49 -14.58
C SER C 72 -1.47 4.16 -15.32
N MET C 73 -2.62 3.52 -15.24
CA MET C 73 -2.70 2.08 -15.50
C MET C 73 -3.28 1.68 -16.84
N VAL C 74 -3.87 2.63 -17.58
CA VAL C 74 -4.70 2.26 -18.72
C VAL C 74 -3.87 1.64 -19.84
N GLN C 75 -2.67 2.15 -20.02
CA GLN C 75 -1.75 1.59 -21.00
C GLN C 75 -1.47 0.13 -20.70
N HIS C 76 -1.28 -0.20 -19.41
CA HIS C 76 -1.02 -1.58 -19.00
C HIS C 76 -2.27 -2.48 -19.18
N TYR C 77 -3.42 -1.99 -18.73
CA TYR C 77 -4.68 -2.67 -18.95
C TYR C 77 -4.77 -3.13 -20.41
N TYR C 78 -4.58 -2.17 -21.31
CA TYR C 78 -4.93 -2.44 -22.70
C TYR C 78 -3.79 -3.08 -23.49
N ARG C 79 -2.63 -3.31 -22.88
CA ARG C 79 -1.53 -3.89 -23.63
C ARG C 79 -1.69 -5.39 -23.85
N ASN C 80 -1.78 -5.77 -25.12
CA ASN C 80 -1.94 -7.17 -25.53
C ASN C 80 -3.20 -7.83 -24.92
N VAL C 81 -4.26 -7.06 -24.75
CA VAL C 81 -5.50 -7.61 -24.20
C VAL C 81 -6.19 -8.52 -25.22
N HIS C 82 -6.78 -9.62 -24.75
CA HIS C 82 -7.42 -10.58 -25.64
C HIS C 82 -8.92 -10.40 -25.67
N ALA C 83 -9.48 -9.85 -24.61
CA ALA C 83 -10.91 -9.50 -24.63
C ALA C 83 -11.26 -8.47 -23.57
N VAL C 84 -12.31 -7.70 -23.86
CA VAL C 84 -12.80 -6.70 -22.92
C VAL C 84 -14.21 -7.03 -22.40
N VAL C 85 -14.35 -7.08 -21.09
CA VAL C 85 -15.65 -7.23 -20.43
C VAL C 85 -16.08 -5.92 -19.77
N PHE C 86 -17.17 -5.36 -20.25
CA PHE C 86 -17.73 -4.15 -19.68
C PHE C 86 -18.78 -4.54 -18.67
N VAL C 87 -18.81 -3.86 -17.54
CA VAL C 87 -19.75 -4.25 -16.48
C VAL C 87 -20.52 -3.08 -15.90
N TYR C 88 -21.85 -3.23 -15.79
CA TYR C 88 -22.65 -2.27 -15.02
C TYR C 88 -23.48 -2.95 -13.91
N ASP C 89 -24.04 -2.13 -13.03
CA ASP C 89 -24.92 -2.56 -11.95
C ASP C 89 -26.39 -2.42 -12.40
N MET C 90 -27.10 -3.54 -12.50
CA MET C 90 -28.48 -3.51 -12.99
C MET C 90 -29.39 -2.62 -12.13
N THR C 91 -28.97 -2.36 -10.88
CA THR C 91 -29.76 -1.57 -9.95
C THR C 91 -29.35 -0.11 -9.95
N ASN C 92 -28.40 0.23 -10.82
CA ASN C 92 -27.85 1.58 -10.86
C ASN C 92 -27.76 2.09 -12.31
N MET C 93 -28.73 2.94 -12.68
CA MET C 93 -28.84 3.40 -14.07
C MET C 93 -27.63 4.25 -14.48
N ALA C 94 -27.06 4.96 -13.49
CA ALA C 94 -25.91 5.80 -13.75
C ALA C 94 -24.70 4.95 -14.18
N SER C 95 -24.57 3.76 -13.57
CA SER C 95 -23.47 2.87 -13.96
C SER C 95 -23.64 2.43 -15.42
N PHE C 96 -24.89 2.42 -15.87
CA PHE C 96 -25.21 2.03 -17.22
C PHE C 96 -24.96 3.20 -18.18
N HIS C 97 -25.28 4.42 -17.76
CA HIS C 97 -25.00 5.60 -18.58
C HIS C 97 -23.50 5.90 -18.68
N SER C 98 -22.69 5.28 -17.83
CA SER C 98 -21.24 5.49 -17.89
C SER C 98 -20.62 4.74 -19.06
N LEU C 99 -21.31 3.71 -19.55
CA LEU C 99 -20.72 2.80 -20.53
C LEU C 99 -20.18 3.48 -21.82
N PRO C 100 -20.89 4.51 -22.35
CA PRO C 100 -20.27 5.13 -23.53
C PRO C 100 -18.85 5.65 -23.29
N SER C 101 -18.59 6.28 -22.14
CA SER C 101 -17.24 6.81 -21.90
C SER C 101 -16.20 5.66 -21.71
N TRP C 102 -16.63 4.55 -21.10
CA TRP C 102 -15.74 3.38 -20.98
C TRP C 102 -15.40 2.84 -22.38
N ILE C 103 -16.42 2.79 -23.23
CA ILE C 103 -16.24 2.29 -24.59
C ILE C 103 -15.31 3.24 -25.38
N GLU C 104 -15.46 4.53 -25.16
CA GLU C 104 -14.61 5.49 -25.83
C GLU C 104 -13.15 5.31 -25.37
N GLU C 105 -12.94 5.04 -24.07
CA GLU C 105 -11.58 4.80 -23.57
C GLU C 105 -10.98 3.58 -24.25
N CYS C 106 -11.78 2.53 -24.30
CA CYS C 106 -11.41 1.29 -24.97
C CYS C 106 -11.01 1.51 -26.46
N LYS C 107 -11.86 2.21 -27.19
CA LYS C 107 -11.66 2.43 -28.61
C LYS C 107 -10.41 3.28 -28.82
N GLN C 108 -10.19 4.23 -27.92
CA GLN C 108 -8.99 5.05 -28.00
C GLN C 108 -7.70 4.30 -27.65
N HIS C 109 -7.82 3.19 -26.92
CA HIS C 109 -6.61 2.48 -26.51
C HIS C 109 -6.40 1.08 -27.08
N LEU C 110 -7.40 0.49 -27.74
CA LEU C 110 -7.15 -0.82 -28.32
C LEU C 110 -6.09 -0.69 -29.40
N LEU C 111 -5.32 -1.75 -29.60
CA LEU C 111 -4.24 -1.73 -30.58
C LEU C 111 -4.60 -2.61 -31.78
N ALA C 112 -5.81 -3.15 -31.77
CA ALA C 112 -6.24 -4.00 -32.87
C ALA C 112 -7.76 -3.89 -33.05
N ASN C 113 -8.25 -4.16 -34.25
CA ASN C 113 -9.68 -3.99 -34.51
C ASN C 113 -10.47 -5.29 -34.27
N ASP C 114 -9.81 -6.33 -33.79
CA ASP C 114 -10.42 -7.65 -33.72
C ASP C 114 -10.47 -8.22 -32.32
N ILE C 115 -10.59 -7.35 -31.31
CA ILE C 115 -10.67 -7.80 -29.94
C ILE C 115 -12.14 -7.84 -29.47
N PRO C 116 -12.66 -9.05 -29.19
CA PRO C 116 -14.03 -9.22 -28.67
C PRO C 116 -14.34 -8.37 -27.44
N ARG C 117 -15.52 -7.77 -27.44
CA ARG C 117 -16.02 -7.02 -26.28
C ARG C 117 -17.37 -7.61 -25.90
N ILE C 118 -17.66 -7.68 -24.60
CA ILE C 118 -18.98 -8.15 -24.15
C ILE C 118 -19.55 -7.24 -23.06
N LEU C 119 -20.87 -7.30 -22.90
CA LEU C 119 -21.52 -6.43 -21.92
C LEU C 119 -22.24 -7.27 -20.85
N VAL C 120 -21.96 -6.94 -19.59
CA VAL C 120 -22.51 -7.67 -18.44
C VAL C 120 -23.26 -6.77 -17.46
N GLY C 121 -24.52 -7.08 -17.22
CA GLY C 121 -25.26 -6.46 -16.11
C GLY C 121 -25.16 -7.37 -14.89
N ASN C 122 -24.74 -6.81 -13.77
CA ASN C 122 -24.55 -7.59 -12.54
C ASN C 122 -25.63 -7.24 -11.53
N LYS C 123 -25.70 -8.06 -10.48
CA LYS C 123 -26.68 -7.95 -9.38
C LYS C 123 -28.11 -8.17 -9.87
N CYS C 124 -28.30 -9.15 -10.75
CA CYS C 124 -29.64 -9.50 -11.21
C CYS C 124 -30.50 -10.15 -10.09
N ASP C 125 -29.87 -10.59 -8.99
CA ASP C 125 -30.60 -11.14 -7.84
C ASP C 125 -31.49 -10.11 -7.15
N LEU C 126 -31.14 -8.83 -7.28
CA LEU C 126 -31.87 -7.76 -6.61
C LEU C 126 -33.06 -7.27 -7.44
N ARG C 127 -34.02 -8.14 -7.71
CA ARG C 127 -35.04 -7.87 -8.73
C ARG C 127 -35.98 -6.70 -8.39
N SER C 128 -36.23 -6.49 -7.11
CA SER C 128 -37.10 -5.39 -6.69
C SER C 128 -36.42 -4.02 -6.77
N ALA C 129 -35.11 -4.00 -7.05
CA ALA C 129 -34.37 -2.73 -7.14
C ALA C 129 -33.74 -2.45 -8.52
N ILE C 130 -34.04 -3.29 -9.51
CA ILE C 130 -33.47 -3.14 -10.86
C ILE C 130 -33.89 -1.83 -11.53
N GLN C 131 -32.92 -1.14 -12.13
CA GLN C 131 -33.16 0.16 -12.77
C GLN C 131 -32.95 0.13 -14.27
N VAL C 132 -32.31 -0.93 -14.77
CA VAL C 132 -31.96 -1.04 -16.19
C VAL C 132 -32.71 -2.19 -16.83
N PRO C 133 -33.74 -1.86 -17.62
CA PRO C 133 -34.59 -2.88 -18.26
C PRO C 133 -33.78 -3.66 -19.27
N THR C 134 -34.08 -4.95 -19.42
CA THR C 134 -33.33 -5.80 -20.34
C THR C 134 -33.34 -5.30 -21.79
N ASP C 135 -34.46 -4.79 -22.26
CA ASP C 135 -34.56 -4.45 -23.67
C ASP C 135 -33.65 -3.23 -24.00
N LEU C 136 -33.55 -2.28 -23.06
CA LEU C 136 -32.64 -1.15 -23.19
C LEU C 136 -31.18 -1.61 -23.33
N ALA C 137 -30.76 -2.38 -22.33
CA ALA C 137 -29.44 -2.98 -22.29
C ALA C 137 -29.15 -3.77 -23.58
N GLN C 138 -30.17 -4.49 -24.04
CA GLN C 138 -30.04 -5.36 -25.19
C GLN C 138 -29.80 -4.56 -26.43
N LYS C 139 -30.51 -3.44 -26.56
CA LYS C 139 -30.33 -2.60 -27.75
C LYS C 139 -28.94 -1.97 -27.73
N PHE C 140 -28.52 -1.51 -26.55
CA PHE C 140 -27.17 -0.96 -26.40
C PHE C 140 -26.13 -1.97 -26.86
N ALA C 141 -26.27 -3.21 -26.39
CA ALA C 141 -25.34 -4.29 -26.71
C ALA C 141 -25.32 -4.66 -28.20
N ASP C 142 -26.50 -4.77 -28.79
CA ASP C 142 -26.62 -5.15 -30.19
C ASP C 142 -25.99 -4.09 -31.07
N THR C 143 -26.24 -2.81 -30.76
CA THR C 143 -25.80 -1.78 -31.68
C THR C 143 -24.29 -1.53 -31.51
N HIS C 144 -23.71 -2.06 -30.43
CA HIS C 144 -22.28 -1.98 -30.24
C HIS C 144 -21.59 -3.29 -30.59
N SER C 145 -22.32 -4.24 -31.20
CA SER C 145 -21.74 -5.56 -31.50
C SER C 145 -21.27 -6.35 -30.26
N MET C 146 -21.97 -6.20 -29.13
CA MET C 146 -21.65 -7.01 -27.93
C MET C 146 -22.79 -7.93 -27.51
N PRO C 147 -22.46 -9.19 -27.22
CA PRO C 147 -23.47 -9.99 -26.50
C PRO C 147 -23.77 -9.40 -25.12
N LEU C 148 -25.00 -9.56 -24.65
CA LEU C 148 -25.44 -9.07 -23.35
C LEU C 148 -25.61 -10.23 -22.37
N PHE C 149 -25.10 -10.09 -21.15
CA PHE C 149 -25.38 -11.07 -20.09
C PHE C 149 -25.91 -10.34 -18.87
N GLU C 150 -26.95 -10.91 -18.28
CA GLU C 150 -27.48 -10.45 -17.00
C GLU C 150 -27.25 -11.57 -15.96
N THR C 151 -26.53 -11.22 -14.91
CA THR C 151 -25.92 -12.23 -14.06
C THR C 151 -25.86 -11.79 -12.61
N SER C 152 -25.39 -12.67 -11.76
CA SER C 152 -25.28 -12.36 -10.33
C SER C 152 -24.12 -13.08 -9.71
N ALA C 153 -23.08 -12.32 -9.35
CA ALA C 153 -21.91 -12.92 -8.71
C ALA C 153 -22.33 -13.55 -7.36
N LYS C 154 -23.27 -12.91 -6.68
CA LYS C 154 -23.76 -13.39 -5.40
C LYS C 154 -24.49 -14.74 -5.55
N ASN C 155 -25.48 -14.81 -6.44
CA ASN C 155 -26.14 -16.07 -6.73
C ASN C 155 -25.78 -16.54 -8.13
N PRO C 156 -24.73 -17.37 -8.22
CA PRO C 156 -23.99 -17.61 -9.47
C PRO C 156 -24.76 -18.45 -10.50
N ASN C 157 -25.97 -18.91 -10.18
CA ASN C 157 -26.78 -19.71 -11.11
C ASN C 157 -28.02 -18.97 -11.58
N ASP C 158 -28.16 -17.71 -11.17
CA ASP C 158 -29.33 -16.92 -11.55
C ASP C 158 -29.17 -16.42 -12.99
N ASN C 159 -30.25 -16.49 -13.76
CA ASN C 159 -30.27 -16.05 -15.15
C ASN C 159 -29.03 -16.55 -15.95
N ASP C 160 -28.20 -15.65 -16.47
CA ASP C 160 -26.95 -16.08 -17.09
C ASP C 160 -25.90 -16.48 -16.03
N HIS C 161 -25.51 -17.75 -16.00
CA HIS C 161 -24.53 -18.25 -15.00
C HIS C 161 -23.19 -17.55 -15.16
N VAL C 162 -22.60 -17.08 -14.06
CA VAL C 162 -21.29 -16.43 -14.08
C VAL C 162 -20.26 -17.31 -14.77
N GLU C 163 -20.27 -18.60 -14.43
CA GLU C 163 -19.41 -19.58 -15.08
C GLU C 163 -19.54 -19.56 -16.60
N ALA C 164 -20.78 -19.56 -17.06
CA ALA C 164 -21.10 -19.77 -18.47
C ALA C 164 -20.65 -18.57 -19.29
N ILE C 165 -20.59 -17.41 -18.66
CA ILE C 165 -20.15 -16.19 -19.31
C ILE C 165 -18.68 -16.28 -19.71
N PHE C 166 -17.81 -16.48 -18.72
CA PHE C 166 -16.37 -16.49 -18.98
C PHE C 166 -16.00 -17.73 -19.78
N MET C 167 -16.69 -18.84 -19.54
CA MET C 167 -16.39 -20.03 -20.34
C MET C 167 -16.79 -19.84 -21.81
N THR C 168 -17.95 -19.21 -22.03
CA THR C 168 -18.38 -18.92 -23.39
C THR C 168 -17.34 -18.04 -24.10
N LEU C 169 -16.89 -17.01 -23.39
CA LEU C 169 -15.90 -16.09 -23.96
C LEU C 169 -14.58 -16.82 -24.29
N ALA C 170 -14.11 -17.63 -23.34
CA ALA C 170 -12.91 -18.44 -23.51
C ALA C 170 -13.00 -19.37 -24.72
N HIS C 171 -14.15 -20.01 -24.88
CA HIS C 171 -14.37 -20.88 -26.05
C HIS C 171 -14.27 -20.08 -27.34
N LYS C 172 -14.93 -18.92 -27.35
CA LYS C 172 -14.90 -18.07 -28.53
C LYS C 172 -13.47 -17.68 -28.89
N LEU C 173 -12.68 -17.32 -27.88
CA LEU C 173 -11.29 -16.92 -28.10
C LEU C 173 -10.47 -18.07 -28.64
N LYS C 174 -10.62 -19.23 -27.99
CA LYS C 174 -9.83 -20.41 -28.34
C LYS C 174 -10.10 -20.86 -29.78
N SER C 175 -11.35 -20.82 -30.17
CA SER C 175 -11.67 -21.31 -31.51
C SER C 175 -11.53 -20.19 -32.54
N HIS C 176 -11.29 -18.98 -32.07
N HIS C 176 -11.26 -18.98 -32.07
CA HIS C 176 -11.28 -17.78 -32.91
CA HIS C 176 -11.30 -17.76 -32.87
C HIS C 176 -12.62 -17.61 -33.64
C HIS C 176 -12.61 -17.66 -33.66
N LYS C 177 -13.69 -18.14 -33.04
CA LYS C 177 -15.02 -18.10 -33.65
C LYS C 177 -15.74 -16.78 -33.37
N PRO C 178 -16.73 -16.43 -34.21
CA PRO C 178 -17.61 -15.30 -33.94
C PRO C 178 -18.54 -15.54 -32.75
N MET D 1 -32.59 48.05 35.85
CA MET D 1 -33.09 49.33 36.34
C MET D 1 -34.19 49.88 35.43
N LEU D 2 -35.37 50.10 36.00
CA LEU D 2 -36.51 50.65 35.25
C LEU D 2 -36.17 52.03 34.68
N GLU D 3 -35.41 52.82 35.45
CA GLU D 3 -34.89 54.09 34.96
C GLU D 3 -33.40 54.20 35.22
N THR D 4 -32.60 53.95 34.19
CA THR D 4 -31.13 53.96 34.31
C THR D 4 -30.60 55.31 34.76
N ASN D 5 -29.46 55.29 35.45
CA ASN D 5 -28.78 56.51 35.87
C ASN D 5 -27.30 56.45 35.52
N CYS D 6 -26.51 57.32 36.14
CA CYS D 6 -25.08 57.38 35.83
C CYS D 6 -24.30 56.22 36.47
N LEU D 7 -24.74 55.74 37.63
CA LEU D 7 -24.07 54.64 38.31
C LEU D 7 -24.09 53.38 37.43
N ASP D 8 -25.09 53.29 36.55
CA ASP D 8 -25.16 52.20 35.57
C ASP D 8 -23.93 52.15 34.64
N LEU D 9 -23.00 53.08 34.84
CA LEU D 9 -21.68 53.02 34.21
C LEU D 9 -20.92 51.75 34.65
N ARG D 10 -21.42 51.07 35.69
CA ARG D 10 -20.89 49.76 36.05
C ARG D 10 -20.92 48.85 34.82
N THR D 11 -21.99 48.95 34.03
CA THR D 11 -22.13 48.15 32.83
C THR D 11 -20.94 48.37 31.90
N LYS D 12 -20.49 49.62 31.79
CA LYS D 12 -19.32 49.93 30.99
C LYS D 12 -18.10 49.17 31.53
N LEU D 13 -17.86 49.29 32.84
CA LEU D 13 -16.72 48.60 33.43
C LEU D 13 -17.02 47.11 33.59
N GLN D 14 -18.20 46.71 33.12
CA GLN D 14 -18.58 45.30 33.07
C GLN D 14 -18.74 44.83 31.63
N ASP D 15 -18.61 45.75 30.67
CA ASP D 15 -18.74 45.39 29.25
C ASP D 15 -17.44 45.59 28.50
N LEU D 16 -16.64 46.57 28.96
CA LEU D 16 -15.28 46.75 28.44
C LEU D 16 -14.43 45.55 28.82
N GLU D 17 -14.95 44.74 29.74
CA GLU D 17 -14.22 43.59 30.28
C GLU D 17 -14.58 42.28 29.58
N VAL D 18 -15.85 41.87 29.65
CA VAL D 18 -16.30 40.61 29.05
C VAL D 18 -15.83 40.49 27.61
N ALA D 19 -16.15 41.50 26.80
CA ALA D 19 -15.70 41.56 25.41
C ALA D 19 -14.21 41.26 25.29
N ASN D 20 -13.39 41.97 26.08
CA ASN D 20 -11.94 41.82 25.97
C ASN D 20 -11.44 40.45 26.37
N GLN D 21 -12.21 39.72 27.18
CA GLN D 21 -11.77 38.39 27.60
C GLN D 21 -11.82 37.44 26.40
N THR D 22 -12.23 37.97 25.25
CA THR D 22 -12.31 37.11 24.06
C THR D 22 -11.74 37.82 22.82
N LEU D 23 -12.63 38.54 22.14
CA LEU D 23 -12.45 39.20 20.82
C LEU D 23 -11.02 39.30 20.26
N LYS D 24 -10.31 40.40 20.45
CA LYS D 24 -9.07 40.50 19.68
C LYS D 24 -8.08 39.43 20.12
N ASP D 25 -8.13 39.09 21.40
CA ASP D 25 -7.27 38.05 21.96
C ASP D 25 -7.66 36.69 21.39
N GLU D 26 -8.95 36.36 21.46
CA GLU D 26 -9.47 35.08 21.00
C GLU D 26 -9.40 34.93 19.48
N TYR D 27 -9.39 36.06 18.76
CA TYR D 27 -9.27 36.00 17.31
C TYR D 27 -7.91 35.40 16.93
N ASP D 28 -6.86 35.88 17.59
CA ASP D 28 -5.52 35.35 17.36
C ASP D 28 -5.39 33.97 18.00
N ALA D 29 -6.08 33.77 19.12
CA ALA D 29 -6.04 32.52 19.86
C ALA D 29 -6.76 31.39 19.13
N LEU D 30 -7.52 31.75 18.11
CA LEU D 30 -8.13 30.76 17.23
C LEU D 30 -7.43 30.76 15.88
N GLN D 31 -6.80 31.87 15.53
CA GLN D 31 -6.00 31.94 14.32
C GLN D 31 -4.82 30.98 14.41
N ILE D 32 -4.22 30.91 15.60
CA ILE D 32 -3.09 30.02 15.83
C ILE D 32 -3.47 28.56 15.67
N THR D 33 -4.56 28.14 16.32
CA THR D 33 -5.00 26.76 16.28
C THR D 33 -5.58 26.41 14.91
N PHE D 34 -6.07 27.43 14.20
CA PHE D 34 -6.62 27.22 12.88
C PHE D 34 -5.51 27.00 11.87
N THR D 35 -4.45 27.79 11.95
CA THR D 35 -3.31 27.61 11.06
C THR D 35 -2.61 26.29 11.39
N ALA D 36 -2.54 25.98 12.68
CA ALA D 36 -1.99 24.70 13.12
C ALA D 36 -2.78 23.54 12.50
N LEU D 37 -4.10 23.66 12.55
CA LEU D 37 -4.97 22.61 12.04
C LEU D 37 -4.87 22.52 10.52
N GLU D 38 -4.68 23.66 9.87
CA GLU D 38 -4.40 23.71 8.44
C GLU D 38 -3.18 22.88 8.12
N GLU D 39 -2.11 23.09 8.89
CA GLU D 39 -0.87 22.37 8.69
C GLU D 39 -1.05 20.86 8.91
N LYS D 40 -1.78 20.49 9.94
CA LYS D 40 -2.05 19.08 10.20
C LYS D 40 -2.78 18.46 9.02
N LEU D 41 -3.79 19.18 8.52
CA LEU D 41 -4.59 18.69 7.41
C LEU D 41 -3.78 18.51 6.14
N ARG D 42 -2.92 19.48 5.83
CA ARG D 42 -2.11 19.39 4.62
C ARG D 42 -1.08 18.27 4.77
N LYS D 43 -0.56 18.07 5.98
CA LYS D 43 0.35 16.96 6.22
C LYS D 43 -0.34 15.62 5.94
N THR D 44 -1.49 15.43 6.56
CA THR D 44 -2.24 14.19 6.41
C THR D 44 -2.60 13.93 4.95
N THR D 45 -3.06 14.97 4.26
CA THR D 45 -3.44 14.87 2.86
C THR D 45 -2.26 14.49 1.97
N GLU D 46 -1.17 15.22 2.15
CA GLU D 46 0.10 14.91 1.49
C GLU D 46 0.45 13.44 1.67
N GLU D 47 0.35 12.96 2.92
CA GLU D 47 0.63 11.57 3.22
C GLU D 47 -0.28 10.59 2.48
N ASN D 48 -1.58 10.88 2.42
CA ASN D 48 -2.48 10.02 1.65
C ASN D 48 -2.03 9.97 0.19
N GLN D 49 -1.62 11.12 -0.33
CA GLN D 49 -1.16 11.19 -1.71
C GLN D 49 0.08 10.34 -1.96
N GLU D 50 1.05 10.41 -1.05
CA GLU D 50 2.26 9.61 -1.20
C GLU D 50 1.94 8.11 -1.10
N LEU D 51 1.03 7.75 -0.19
CA LEU D 51 0.66 6.36 0.00
C LEU D 51 0.01 5.82 -1.27
N VAL D 52 -1.00 6.55 -1.76
CA VAL D 52 -1.72 6.15 -2.96
C VAL D 52 -0.80 6.08 -4.17
N THR D 53 0.06 7.07 -4.33
CA THR D 53 1.00 7.11 -5.44
C THR D 53 1.99 5.95 -5.41
N ARG D 54 2.43 5.59 -4.22
CA ARG D 54 3.32 4.47 -4.05
C ARG D 54 2.63 3.14 -4.42
N TRP D 55 1.45 2.92 -3.84
CA TRP D 55 0.62 1.75 -4.18
C TRP D 55 0.40 1.63 -5.70
N MET D 56 -0.07 2.71 -6.32
CA MET D 56 -0.24 2.78 -7.78
C MET D 56 1.02 2.41 -8.54
N ALA D 57 2.18 2.90 -8.07
CA ALA D 57 3.43 2.62 -8.77
C ALA D 57 3.76 1.14 -8.73
N GLU D 58 3.58 0.53 -7.56
CA GLU D 58 3.86 -0.90 -7.44
C GLU D 58 2.90 -1.71 -8.33
N LYS D 59 1.63 -1.31 -8.37
CA LYS D 59 0.69 -1.99 -9.26
C LYS D 59 1.12 -1.84 -10.73
N ALA D 60 1.54 -0.64 -11.14
CA ALA D 60 2.00 -0.44 -12.52
C ALA D 60 3.20 -1.32 -12.88
N GLN D 61 4.14 -1.48 -11.94
CA GLN D 61 5.30 -2.34 -12.16
C GLN D 61 4.92 -3.83 -12.25
N GLU D 62 3.96 -4.25 -11.43
CA GLU D 62 3.51 -5.63 -11.47
C GLU D 62 2.77 -5.92 -12.79
N ALA D 63 1.91 -4.99 -13.19
CA ALA D 63 1.16 -5.10 -14.47
C ALA D 63 2.12 -5.15 -15.65
N ASN D 64 3.20 -4.37 -15.57
CA ASN D 64 4.20 -4.36 -16.62
C ASN D 64 4.89 -5.71 -16.68
N ARG D 65 5.28 -6.20 -15.51
CA ARG D 65 5.97 -7.48 -15.44
C ARG D 65 5.11 -8.61 -16.01
N LEU D 66 3.81 -8.61 -15.65
CA LEU D 66 2.90 -9.67 -16.10
C LEU D 66 2.68 -9.61 -17.60
N ASN D 67 2.44 -8.41 -18.13
CA ASN D 67 2.40 -8.24 -19.57
C ASN D 67 3.66 -8.80 -20.24
N ALA D 68 4.83 -8.57 -19.64
CA ALA D 68 6.06 -9.10 -20.24
C ALA D 68 6.14 -10.62 -20.17
N GLU D 69 5.68 -11.21 -19.06
CA GLU D 69 5.66 -12.66 -18.94
C GLU D 69 4.73 -13.30 -19.97
N ASN D 70 3.52 -12.74 -20.09
CA ASN D 70 2.56 -13.18 -21.09
C ASN D 70 3.19 -13.12 -22.48
N GLU D 71 3.90 -12.03 -22.74
CA GLU D 71 4.52 -11.84 -24.05
C GLU D 71 5.58 -12.91 -24.31
N LYS D 72 6.42 -13.18 -23.31
CA LYS D 72 7.43 -14.22 -23.43
C LYS D 72 6.81 -15.58 -23.71
N ASP D 73 5.78 -15.95 -22.95
CA ASP D 73 5.10 -17.23 -23.14
C ASP D 73 4.45 -17.33 -24.52
N SER D 74 3.93 -16.20 -25.00
CA SER D 74 3.31 -16.14 -26.32
C SER D 74 4.34 -16.37 -27.42
N ARG D 75 5.52 -15.78 -27.27
CA ARG D 75 6.59 -16.02 -28.24
C ARG D 75 7.05 -17.47 -28.18
N ARG D 76 7.04 -18.06 -26.98
CA ARG D 76 7.36 -19.48 -26.82
C ARG D 76 6.39 -20.34 -27.61
N ARG D 77 5.09 -20.08 -27.45
CA ARG D 77 4.06 -20.82 -28.17
C ARG D 77 4.21 -20.65 -29.68
N GLN D 78 4.54 -19.43 -30.10
CA GLN D 78 4.75 -19.17 -31.53
C GLN D 78 5.93 -19.97 -32.08
N ALA D 79 7.03 -20.01 -31.34
CA ALA D 79 8.22 -20.76 -31.75
C ALA D 79 7.92 -22.26 -31.84
N ARG D 80 7.31 -22.80 -30.79
CA ARG D 80 6.91 -24.20 -30.77
C ARG D 80 6.03 -24.53 -31.95
N LEU D 81 5.05 -23.67 -32.22
CA LEU D 81 4.12 -23.89 -33.32
C LEU D 81 4.80 -23.71 -34.68
N GLN D 82 5.94 -23.03 -34.69
CA GLN D 82 6.75 -22.94 -35.90
C GLN D 82 7.50 -24.26 -36.11
N LYS D 83 7.88 -24.90 -35.02
CA LYS D 83 8.49 -26.23 -35.08
C LYS D 83 7.49 -27.25 -35.63
N GLU D 84 6.19 -26.97 -35.46
CA GLU D 84 5.13 -27.89 -35.82
C GLU D 84 4.84 -27.93 -37.33
N LEU D 85 5.60 -27.17 -38.11
CA LEU D 85 5.39 -27.14 -39.56
C LEU D 85 6.54 -27.81 -40.30
N ALA D 86 7.73 -27.80 -39.70
CA ALA D 86 8.89 -28.44 -40.31
C ALA D 86 9.31 -29.68 -39.54
#